data_1S70
#
_entry.id   1S70
#
_cell.length_a   75.188
_cell.length_b   75.188
_cell.length_c   241.753
_cell.angle_alpha   90.00
_cell.angle_beta   90.00
_cell.angle_gamma   90.00
#
_symmetry.space_group_name_H-M   'P 43 21 2'
#
loop_
_entity.id
_entity.type
_entity.pdbx_description
1 polymer 'Serine/threonine protein phosphatase PP1-beta (or delta) catalytic subunit'
2 polymer '130 kDa myosin-binding subunit of smooth muscle myosin phophatase (M130)'
3 non-polymer 'MANGANESE (II) ION'
4 non-polymer 'TRIETHYLENE GLYCOL'
5 water water
#
loop_
_entity_poly.entity_id
_entity_poly.type
_entity_poly.pdbx_seq_one_letter_code
_entity_poly.pdbx_strand_id
1 'polypeptide(L)'
;AGHMADGELNVDSLITRLLEVRGCRPGKIVQMTEAEVRGLCIKSREIFLSQPILLELEAPLKICGDIHGQYTDLLRLFEY
GGFPPEANYLFLGDYVDRGKQSLETICLLLAYKIKYPENFFLLRGNHECASINRIYGFYDECKRRFNIKLWKTFTDCFNC
LPIAAIVDEKIFCCHGGLSPDLQSMEQIRRIMRPTDVPDTGLLCDLLWSDPDKDVQGWGENDRGVSFTFGADVVSKFLNR
HDLDLICRAHQVVEDGYEFFAKRQLVTLFSAPNYCGEFDNAGGMMSVDETLMCSFQILKPSEKKAKYQYGGLNSGRPVTP
PRTANPPKKR
;
A
2 'polypeptide(L)'
;MKMADAKQKRNEQLKRWIGSETDLEPPVVKRKKTKVKFDDGAVFLAACSSGDTEEVLRLLERGADINYANVDGLTALHQA
CIDDNVDMVKFLVENGANINQPDNEGWIPLHAAASCGYLDIAEYLISQGAHVGAVNSEGDTPLDIAEEEAMEELLQNEVN
RQGVDIEAARKEEERIMLRDARQWLNSGHINDVRHAKSGGTALHVAAAKGYTEVLKLLIQARYDVNIKDYDGWTPLHAAA
HWGKEEACRILVENLCDMEAVNKVGQTAFDVADEDILGYLEELQKKQNLLHSEKREKKS
;
B
#
# COMPACT_ATOMS: atom_id res chain seq x y z
N HIS A 3 -22.96 22.53 14.78
CA HIS A 3 -23.95 23.51 15.30
C HIS A 3 -23.67 23.86 16.78
N MET A 4 -23.91 25.13 17.10
CA MET A 4 -23.72 25.77 18.41
C MET A 4 -23.72 25.01 19.76
N ALA A 5 -22.94 25.58 20.69
CA ALA A 5 -22.78 25.10 22.07
C ALA A 5 -21.74 24.02 22.39
N ASP A 6 -22.12 23.13 23.30
CA ASP A 6 -21.30 22.00 23.75
C ASP A 6 -19.96 22.27 24.40
N GLY A 7 -19.22 21.18 24.60
CA GLY A 7 -17.92 21.17 25.27
C GLY A 7 -16.79 22.16 25.09
N GLU A 8 -15.62 21.74 25.54
CA GLU A 8 -14.40 22.54 25.49
C GLU A 8 -13.60 22.29 24.22
N LEU A 9 -13.41 21.02 23.86
CA LEU A 9 -12.65 20.74 22.66
C LEU A 9 -13.44 21.04 21.40
N ASN A 10 -12.84 21.83 20.53
CA ASN A 10 -13.45 22.19 19.27
C ASN A 10 -12.76 21.34 18.21
N VAL A 11 -13.27 20.13 18.00
CA VAL A 11 -12.67 19.25 17.01
C VAL A 11 -12.61 19.94 15.66
N ASP A 12 -13.69 20.66 15.32
CA ASP A 12 -13.75 21.37 14.06
C ASP A 12 -12.47 22.19 13.84
N SER A 13 -12.04 22.87 14.90
CA SER A 13 -10.83 23.69 14.82
C SER A 13 -9.61 22.83 14.64
N LEU A 14 -9.55 21.71 15.37
CA LEU A 14 -8.40 20.80 15.29
C LEU A 14 -8.36 20.00 13.98
N ILE A 15 -9.46 19.32 13.67
CA ILE A 15 -9.52 18.52 12.46
C ILE A 15 -9.05 19.38 11.31
N THR A 16 -9.53 20.62 11.29
CA THR A 16 -9.16 21.57 10.25
C THR A 16 -7.66 21.75 10.23
N ARG A 17 -7.12 22.36 11.29
CA ARG A 17 -5.69 22.59 11.39
C ARG A 17 -4.86 21.37 11.02
N LEU A 18 -5.40 20.19 11.27
CA LEU A 18 -4.68 18.96 10.96
C LEU A 18 -4.67 18.63 9.47
N LEU A 19 -5.72 19.03 8.77
CA LEU A 19 -5.81 18.77 7.33
C LEU A 19 -5.16 19.89 6.53
N GLU A 20 -4.69 20.91 7.23
CA GLU A 20 -4.05 22.03 6.58
C GLU A 20 -2.69 21.74 5.96
N VAL A 21 -1.97 20.78 6.52
CA VAL A 21 -0.66 20.44 5.96
C VAL A 21 -0.82 19.56 4.74
N ARG A 22 -2.05 19.37 4.28
CA ARG A 22 -2.30 18.58 3.07
C ARG A 22 -1.68 19.40 1.96
N GLY A 23 -0.61 18.90 1.36
CA GLY A 23 0.03 19.65 0.30
C GLY A 23 1.35 20.23 0.72
N CYS A 24 1.55 20.39 2.02
CA CYS A 24 2.82 20.92 2.54
C CYS A 24 3.80 19.74 2.58
N ARG A 25 5.10 20.02 2.66
CA ARG A 25 6.08 18.94 2.68
C ARG A 25 5.87 18.04 3.89
N PRO A 26 6.07 16.72 3.71
CA PRO A 26 5.90 15.75 4.79
C PRO A 26 6.76 16.10 5.99
N GLY A 27 6.26 15.82 7.19
CA GLY A 27 7.01 16.14 8.39
C GLY A 27 6.69 17.54 8.88
N LYS A 28 5.91 18.28 8.11
CA LYS A 28 5.51 19.63 8.48
C LYS A 28 4.53 19.44 9.62
N ILE A 29 4.84 20.08 10.74
CA ILE A 29 4.03 19.99 11.94
C ILE A 29 2.74 20.79 12.08
N VAL A 30 1.73 20.14 12.67
CA VAL A 30 0.45 20.75 12.93
C VAL A 30 0.51 21.11 14.42
N GLN A 31 0.69 22.39 14.70
CA GLN A 31 0.81 22.83 16.08
C GLN A 31 -0.48 22.85 16.86
N MET A 32 -0.38 22.55 18.15
CA MET A 32 -1.55 22.52 19.01
C MET A 32 -1.23 22.50 20.51
N THR A 33 -2.24 22.82 21.31
CA THR A 33 -2.14 22.88 22.77
C THR A 33 -2.16 21.50 23.40
N GLU A 34 -1.31 21.30 24.39
CA GLU A 34 -1.27 20.01 25.08
C GLU A 34 -2.64 19.78 25.74
N ALA A 35 -3.35 20.87 25.96
CA ALA A 35 -4.67 20.82 26.57
C ALA A 35 -5.69 20.41 25.53
N GLU A 36 -5.34 20.61 24.27
CA GLU A 36 -6.22 20.23 23.18
C GLU A 36 -5.93 18.76 22.92
N VAL A 37 -4.67 18.39 23.06
CA VAL A 37 -4.26 17.00 22.88
C VAL A 37 -4.87 16.22 24.05
N ARG A 38 -4.64 16.69 25.27
CA ARG A 38 -5.18 16.05 26.46
C ARG A 38 -6.70 15.98 26.41
N GLY A 39 -7.30 16.95 25.72
CA GLY A 39 -8.74 16.96 25.59
C GLY A 39 -9.13 15.82 24.68
N LEU A 40 -8.47 15.75 23.53
CA LEU A 40 -8.73 14.70 22.55
C LEU A 40 -8.70 13.33 23.21
N CYS A 41 -7.68 13.10 24.02
CA CYS A 41 -7.52 11.84 24.74
C CYS A 41 -8.71 11.54 25.64
N ILE A 42 -9.01 12.49 26.52
CA ILE A 42 -10.12 12.30 27.44
C ILE A 42 -11.48 12.20 26.76
N LYS A 43 -11.70 12.98 25.71
CA LYS A 43 -13.01 12.91 25.05
C LYS A 43 -13.19 11.58 24.35
N SER A 44 -12.19 11.17 23.59
CA SER A 44 -12.29 9.90 22.90
C SER A 44 -12.35 8.77 23.93
N ARG A 45 -11.44 8.81 24.91
CA ARG A 45 -11.42 7.78 25.94
C ARG A 45 -12.80 7.55 26.52
N GLU A 46 -13.56 8.62 26.66
CA GLU A 46 -14.90 8.54 27.20
C GLU A 46 -15.87 7.91 26.21
N ILE A 47 -15.61 8.07 24.92
CA ILE A 47 -16.48 7.50 23.89
C ILE A 47 -16.21 6.01 23.77
N PHE A 48 -14.94 5.62 23.87
CA PHE A 48 -14.59 4.22 23.78
C PHE A 48 -15.35 3.47 24.88
N LEU A 49 -15.13 3.91 26.12
CA LEU A 49 -15.76 3.31 27.28
C LEU A 49 -17.27 3.26 27.18
N SER A 50 -17.83 4.09 26.31
CA SER A 50 -19.28 4.15 26.14
C SER A 50 -19.74 3.19 25.07
N GLN A 51 -18.77 2.59 24.37
CA GLN A 51 -19.10 1.65 23.30
C GLN A 51 -18.50 0.34 23.73
N PRO A 52 -19.03 -0.78 23.22
CA PRO A 52 -18.56 -2.14 23.55
C PRO A 52 -17.06 -2.32 23.34
N ILE A 53 -16.51 -3.40 23.88
CA ILE A 53 -15.09 -3.70 23.71
C ILE A 53 -15.00 -4.58 22.44
N LEU A 54 -16.13 -5.20 22.11
CA LEU A 54 -16.26 -6.03 20.92
C LEU A 54 -17.30 -5.30 20.08
N LEU A 55 -16.83 -4.40 19.23
CA LEU A 55 -17.71 -3.62 18.38
C LEU A 55 -18.50 -4.51 17.43
N GLU A 56 -19.77 -4.16 17.26
CA GLU A 56 -20.63 -4.90 16.35
C GLU A 56 -20.95 -3.87 15.30
N LEU A 57 -20.15 -3.84 14.24
CA LEU A 57 -20.34 -2.86 13.18
C LEU A 57 -21.14 -3.33 11.97
N GLU A 58 -21.42 -2.41 11.06
CA GLU A 58 -22.23 -2.72 9.90
C GLU A 58 -21.74 -2.16 8.56
N ALA A 59 -21.58 -3.03 7.58
CA ALA A 59 -21.14 -2.62 6.26
C ALA A 59 -22.19 -1.66 5.76
N PRO A 60 -21.83 -0.76 4.82
CA PRO A 60 -20.51 -0.60 4.20
C PRO A 60 -19.48 0.13 5.05
N LEU A 61 -18.21 -0.20 4.85
CA LEU A 61 -17.11 0.46 5.56
C LEU A 61 -15.77 0.09 4.94
N LYS A 62 -14.75 0.88 5.26
CA LYS A 62 -13.40 0.67 4.75
C LYS A 62 -12.46 0.38 5.91
N ILE A 63 -11.97 -0.86 5.96
CA ILE A 63 -11.07 -1.31 7.03
C ILE A 63 -9.59 -1.04 6.68
N CYS A 64 -8.82 -0.58 7.65
CA CYS A 64 -7.42 -0.27 7.43
C CYS A 64 -6.48 -0.93 8.42
N GLY A 65 -5.25 -1.17 7.98
CA GLY A 65 -4.25 -1.80 8.82
C GLY A 65 -3.34 -0.80 9.49
N ASP A 66 -2.15 -1.23 9.87
CA ASP A 66 -1.21 -0.35 10.55
C ASP A 66 -0.96 0.95 9.80
N ILE A 67 -0.58 1.99 10.54
CA ILE A 67 -0.27 3.31 9.98
C ILE A 67 1.09 3.77 10.52
N HIS A 68 1.37 3.38 11.76
CA HIS A 68 2.62 3.73 12.43
C HIS A 68 3.11 5.15 12.17
N GLY A 69 2.40 6.12 12.72
CA GLY A 69 2.78 7.51 12.60
C GLY A 69 3.13 8.08 11.23
N GLN A 70 2.70 7.41 10.19
CA GLN A 70 2.99 7.90 8.86
C GLN A 70 1.85 8.80 8.42
N TYR A 71 1.75 9.95 9.06
CA TYR A 71 0.70 10.92 8.77
C TYR A 71 0.49 11.22 7.31
N THR A 72 1.55 11.64 6.63
CA THR A 72 1.45 11.97 5.20
C THR A 72 0.70 10.90 4.42
N ASP A 73 0.90 9.64 4.80
CA ASP A 73 0.22 8.54 4.15
C ASP A 73 -1.23 8.42 4.59
N LEU A 74 -1.49 8.58 5.89
CA LEU A 74 -2.84 8.48 6.41
C LEU A 74 -3.71 9.49 5.68
N LEU A 75 -3.17 10.69 5.51
CA LEU A 75 -3.92 11.72 4.78
C LEU A 75 -4.22 11.18 3.39
N ARG A 76 -3.24 10.48 2.80
CA ARG A 76 -3.42 9.90 1.48
C ARG A 76 -4.49 8.81 1.48
N LEU A 77 -4.62 8.07 2.58
CA LEU A 77 -5.63 7.03 2.68
C LEU A 77 -7.03 7.65 2.62
N PHE A 78 -7.22 8.72 3.38
CA PHE A 78 -8.50 9.40 3.41
C PHE A 78 -8.81 10.09 2.08
N GLU A 79 -7.77 10.53 1.38
CA GLU A 79 -7.93 11.18 0.08
C GLU A 79 -8.33 10.16 -0.97
N TYR A 80 -8.23 8.88 -0.63
CA TYR A 80 -8.56 7.80 -1.54
C TYR A 80 -9.92 7.22 -1.23
N GLY A 81 -10.15 6.91 0.05
CA GLY A 81 -11.42 6.36 0.44
C GLY A 81 -12.41 7.45 0.81
N GLY A 82 -11.93 8.68 0.85
CA GLY A 82 -12.76 9.82 1.18
C GLY A 82 -12.65 10.16 2.64
N PHE A 83 -12.51 11.44 2.94
CA PHE A 83 -12.41 11.87 4.33
C PHE A 83 -13.73 11.69 5.06
N PRO A 84 -13.69 11.28 6.35
CA PRO A 84 -14.93 11.08 7.11
C PRO A 84 -15.70 12.40 7.11
N PRO A 85 -17.04 12.34 7.18
CA PRO A 85 -17.90 11.16 7.26
C PRO A 85 -18.26 10.56 5.92
N GLU A 86 -17.54 10.95 4.88
CA GLU A 86 -17.82 10.44 3.53
C GLU A 86 -18.00 8.92 3.50
N ALA A 87 -17.13 8.23 4.21
CA ALA A 87 -17.19 6.77 4.26
C ALA A 87 -17.00 6.30 5.70
N ASN A 88 -17.45 5.08 6.00
CA ASN A 88 -17.30 4.53 7.34
C ASN A 88 -15.90 3.91 7.43
N TYR A 89 -15.20 4.21 8.52
CA TYR A 89 -13.86 3.68 8.72
C TYR A 89 -13.66 2.79 9.94
N LEU A 90 -12.78 1.82 9.80
CA LEU A 90 -12.42 0.90 10.87
C LEU A 90 -10.94 0.58 10.80
N PHE A 91 -10.15 1.23 11.64
CA PHE A 91 -8.70 0.99 11.66
C PHE A 91 -8.38 -0.14 12.62
N LEU A 92 -7.46 -1.00 12.20
CA LEU A 92 -7.08 -2.17 12.97
C LEU A 92 -5.93 -2.01 13.96
N GLY A 93 -5.51 -0.79 14.25
CA GLY A 93 -4.45 -0.58 15.23
C GLY A 93 -3.11 -0.07 14.73
N ASP A 94 -2.16 0.03 15.65
CA ASP A 94 -0.79 0.48 15.37
C ASP A 94 -0.78 1.81 14.65
N TYR A 95 -1.12 2.87 15.39
CA TYR A 95 -1.15 4.21 14.83
C TYR A 95 0.12 4.97 15.16
N VAL A 96 0.84 4.53 16.18
CA VAL A 96 2.06 5.21 16.58
C VAL A 96 3.30 4.34 16.45
N ASP A 97 4.44 4.90 16.83
CA ASP A 97 5.74 4.23 16.77
C ASP A 97 6.27 4.09 15.34
N ARG A 98 7.60 4.13 15.21
CA ARG A 98 8.30 4.00 13.93
C ARG A 98 8.21 5.25 13.07
N GLY A 99 7.02 5.52 12.52
CA GLY A 99 6.83 6.68 11.67
C GLY A 99 7.34 7.98 12.26
N LYS A 100 7.21 9.07 11.50
CA LYS A 100 7.67 10.38 11.96
C LYS A 100 6.63 11.21 12.71
N GLN A 101 5.36 11.07 12.33
CA GLN A 101 4.29 11.84 12.97
C GLN A 101 3.18 11.03 13.63
N SER A 102 3.49 10.42 14.78
CA SER A 102 2.50 9.64 15.51
C SER A 102 1.48 10.61 16.07
N LEU A 103 1.97 11.74 16.57
CA LEU A 103 1.11 12.75 17.16
C LEU A 103 0.06 13.25 16.19
N GLU A 104 0.50 13.71 15.03
CA GLU A 104 -0.44 14.20 14.04
C GLU A 104 -1.43 13.09 13.68
N THR A 105 -0.90 11.90 13.47
CA THR A 105 -1.70 10.76 13.09
C THR A 105 -2.77 10.32 14.07
N ILE A 106 -2.39 10.13 15.33
CA ILE A 106 -3.35 9.70 16.34
C ILE A 106 -4.39 10.78 16.61
N CYS A 107 -3.93 12.01 16.81
CA CYS A 107 -4.85 13.13 17.07
C CYS A 107 -5.96 13.21 16.04
N LEU A 108 -5.60 13.18 14.77
CA LEU A 108 -6.60 13.22 13.70
C LEU A 108 -7.57 12.04 13.84
N LEU A 109 -7.02 10.86 14.07
CA LEU A 109 -7.84 9.67 14.22
C LEU A 109 -8.82 9.87 15.37
N LEU A 110 -8.30 10.24 16.54
CA LEU A 110 -9.15 10.46 17.71
C LEU A 110 -10.17 11.56 17.43
N ALA A 111 -9.71 12.67 16.86
CA ALA A 111 -10.57 13.79 16.51
C ALA A 111 -11.78 13.29 15.72
N TYR A 112 -11.51 12.55 14.65
CA TYR A 112 -12.57 11.99 13.82
C TYR A 112 -13.42 11.02 14.63
N LYS A 113 -12.81 10.36 15.60
CA LYS A 113 -13.55 9.42 16.43
C LYS A 113 -14.60 10.18 17.22
N ILE A 114 -14.26 11.41 17.59
CA ILE A 114 -15.16 12.26 18.37
C ILE A 114 -16.23 12.85 17.47
N LYS A 115 -15.81 13.47 16.37
CA LYS A 115 -16.75 14.07 15.42
C LYS A 115 -17.83 13.09 14.91
N TYR A 116 -17.42 11.92 14.44
CA TYR A 116 -18.36 10.93 13.94
C TYR A 116 -18.15 9.61 14.68
N PRO A 117 -18.52 9.59 15.97
CA PRO A 117 -18.41 8.43 16.87
C PRO A 117 -19.16 7.17 16.48
N GLU A 118 -20.02 7.26 15.47
CA GLU A 118 -20.79 6.08 15.06
C GLU A 118 -20.45 5.66 13.63
N ASN A 119 -19.51 6.38 13.02
CA ASN A 119 -19.09 6.08 11.66
C ASN A 119 -17.56 5.92 11.59
N PHE A 120 -16.93 6.17 12.73
CA PHE A 120 -15.49 6.07 12.84
C PHE A 120 -15.09 5.17 13.99
N PHE A 121 -14.16 4.25 13.73
CA PHE A 121 -13.74 3.32 14.76
C PHE A 121 -12.25 3.02 14.77
N LEU A 122 -11.72 2.85 15.98
CA LEU A 122 -10.31 2.54 16.14
C LEU A 122 -10.19 1.33 17.07
N LEU A 123 -9.41 0.35 16.65
CA LEU A 123 -9.20 -0.81 17.49
C LEU A 123 -7.80 -0.62 18.08
N ARG A 124 -7.45 -1.47 19.03
CA ARG A 124 -6.15 -1.39 19.68
C ARG A 124 -5.10 -2.27 19.01
N GLY A 125 -3.97 -1.65 18.64
CA GLY A 125 -2.90 -2.42 18.04
C GLY A 125 -1.95 -2.75 19.16
N ASN A 126 -0.94 -3.57 18.91
CA ASN A 126 -0.01 -3.94 19.97
C ASN A 126 0.85 -2.74 20.38
N HIS A 127 0.86 -1.70 19.56
CA HIS A 127 1.63 -0.51 19.87
C HIS A 127 0.81 0.51 20.69
N GLU A 128 -0.30 0.04 21.22
CA GLU A 128 -1.16 0.87 22.04
C GLU A 128 -1.02 0.42 23.50
N CYS A 129 0.22 0.14 23.88
CA CYS A 129 0.56 -0.27 25.24
C CYS A 129 1.80 0.51 25.60
N ALA A 130 1.75 1.17 26.75
CA ALA A 130 2.90 1.95 27.19
C ALA A 130 4.14 1.08 27.16
N SER A 131 3.93 -0.20 27.47
CA SER A 131 4.99 -1.19 27.50
C SER A 131 5.91 -1.19 26.27
N ILE A 132 5.34 -0.94 25.10
CA ILE A 132 6.16 -0.95 23.91
C ILE A 132 6.32 0.36 23.11
N ASN A 133 5.33 1.23 23.09
CA ASN A 133 5.50 2.48 22.34
C ASN A 133 6.44 3.41 23.09
N ARG A 134 6.89 2.93 24.24
CA ARG A 134 7.85 3.67 25.06
C ARG A 134 9.21 3.41 24.41
N ILE A 135 9.36 2.20 23.91
CA ILE A 135 10.58 1.74 23.26
C ILE A 135 10.66 2.08 21.77
N TYR A 136 9.52 2.31 21.13
CA TYR A 136 9.54 2.58 19.69
C TYR A 136 9.26 3.99 19.17
N GLY A 137 9.72 5.01 19.89
CA GLY A 137 9.55 6.39 19.43
C GLY A 137 8.38 7.25 19.84
N PHE A 138 7.21 6.68 20.13
CA PHE A 138 6.08 7.51 20.50
C PHE A 138 6.34 8.26 21.78
N TYR A 139 7.04 7.62 22.71
CA TYR A 139 7.39 8.25 23.98
C TYR A 139 8.25 9.47 23.69
N ASP A 140 9.31 9.27 22.92
CA ASP A 140 10.22 10.34 22.57
C ASP A 140 9.52 11.46 21.78
N GLU A 141 8.62 11.10 20.88
CA GLU A 141 7.93 12.10 20.09
C GLU A 141 6.98 12.91 20.96
N CYS A 142 6.56 12.34 22.09
CA CYS A 142 5.67 13.05 23.00
C CYS A 142 6.52 13.99 23.85
N LYS A 143 7.48 13.41 24.55
CA LYS A 143 8.36 14.16 25.42
C LYS A 143 9.12 15.21 24.64
N ARG A 144 9.27 14.98 23.35
CA ARG A 144 10.00 15.91 22.48
C ARG A 144 9.20 17.18 22.23
N ARG A 145 7.89 17.02 22.07
CA ARG A 145 7.02 18.15 21.82
C ARG A 145 6.16 18.56 23.02
N PHE A 146 6.17 17.75 24.07
CA PHE A 146 5.39 18.06 25.26
C PHE A 146 6.05 17.56 26.54
N ASN A 147 5.44 16.55 27.16
CA ASN A 147 5.97 15.99 28.38
C ASN A 147 5.47 14.56 28.61
N ILE A 148 6.17 13.85 29.49
CA ILE A 148 5.85 12.47 29.83
C ILE A 148 4.40 12.32 30.31
N LYS A 149 3.83 13.39 30.88
CA LYS A 149 2.47 13.31 31.38
C LYS A 149 1.48 13.28 30.24
N LEU A 150 1.78 14.02 29.17
CA LEU A 150 0.89 14.01 28.03
C LEU A 150 0.90 12.59 27.52
N TRP A 151 2.07 11.97 27.60
CA TRP A 151 2.24 10.59 27.17
C TRP A 151 1.32 9.69 27.99
N LYS A 152 1.36 9.86 29.30
CA LYS A 152 0.56 9.03 30.18
C LYS A 152 -0.92 9.22 29.93
N THR A 153 -1.30 10.37 29.41
CA THR A 153 -2.72 10.61 29.13
C THR A 153 -3.13 9.77 27.94
N PHE A 154 -2.22 9.66 26.97
CA PHE A 154 -2.48 8.84 25.76
C PHE A 154 -2.59 7.41 26.23
N THR A 155 -1.72 7.05 27.18
CA THR A 155 -1.69 5.72 27.74
C THR A 155 -3.06 5.39 28.32
N ASP A 156 -3.61 6.30 29.11
CA ASP A 156 -4.92 6.07 29.72
C ASP A 156 -5.97 5.90 28.63
N CYS A 157 -5.73 6.52 27.48
CA CYS A 157 -6.68 6.45 26.38
C CYS A 157 -6.58 5.11 25.68
N PHE A 158 -5.38 4.79 25.17
CA PHE A 158 -5.16 3.53 24.46
C PHE A 158 -5.68 2.36 25.27
N ASN A 159 -5.56 2.47 26.59
CA ASN A 159 -6.01 1.44 27.51
C ASN A 159 -7.52 1.23 27.45
N CYS A 160 -8.23 2.13 26.79
CA CYS A 160 -9.68 2.03 26.68
C CYS A 160 -10.18 1.61 25.31
N LEU A 161 -9.26 1.48 24.36
CA LEU A 161 -9.65 1.11 23.02
C LEU A 161 -10.34 -0.23 22.96
N PRO A 162 -11.21 -0.41 21.95
CA PRO A 162 -11.93 -1.67 21.76
C PRO A 162 -10.87 -2.70 21.34
N ILE A 163 -11.20 -3.98 21.43
CA ILE A 163 -10.25 -5.01 21.06
C ILE A 163 -10.58 -5.72 19.76
N ALA A 164 -11.85 -5.77 19.39
CA ALA A 164 -12.26 -6.44 18.18
C ALA A 164 -13.55 -5.87 17.61
N ALA A 165 -13.91 -6.32 16.41
CA ALA A 165 -15.11 -5.85 15.75
C ALA A 165 -15.64 -6.94 14.85
N ILE A 166 -16.95 -7.04 14.73
CA ILE A 166 -17.58 -8.04 13.87
C ILE A 166 -18.55 -7.36 12.93
N VAL A 167 -18.22 -7.38 11.64
CA VAL A 167 -19.06 -6.74 10.62
C VAL A 167 -20.14 -7.68 10.09
N ASP A 168 -21.38 -7.18 10.05
CA ASP A 168 -22.53 -7.94 9.56
C ASP A 168 -22.54 -9.40 10.02
N GLU A 169 -21.93 -9.64 11.18
CA GLU A 169 -21.88 -10.98 11.75
C GLU A 169 -21.11 -11.99 10.91
N LYS A 170 -20.19 -11.54 10.06
CA LYS A 170 -19.44 -12.48 9.23
C LYS A 170 -17.93 -12.21 9.16
N ILE A 171 -17.51 -11.01 9.55
CA ILE A 171 -16.09 -10.69 9.50
C ILE A 171 -15.52 -10.29 10.86
N PHE A 172 -14.66 -11.16 11.40
CA PHE A 172 -14.03 -10.92 12.69
C PHE A 172 -12.76 -10.12 12.47
N CYS A 173 -12.64 -8.97 13.14
CA CYS A 173 -11.48 -8.11 12.99
C CYS A 173 -10.74 -7.87 14.30
N CYS A 174 -9.42 -7.80 14.21
CA CYS A 174 -8.55 -7.55 15.36
C CYS A 174 -7.14 -7.32 14.83
N HIS A 175 -6.37 -6.47 15.51
CA HIS A 175 -5.01 -6.17 15.09
C HIS A 175 -4.19 -7.43 14.80
N GLY A 176 -3.87 -8.19 15.84
CA GLY A 176 -3.08 -9.41 15.72
C GLY A 176 -3.79 -10.60 15.09
N GLY A 177 -4.37 -11.44 15.94
CA GLY A 177 -5.05 -12.61 15.42
C GLY A 177 -5.82 -13.42 16.44
N LEU A 178 -5.65 -14.74 16.40
CA LEU A 178 -6.38 -15.64 17.30
C LEU A 178 -5.67 -15.99 18.59
N SER A 179 -6.39 -16.70 19.45
CA SER A 179 -5.87 -17.13 20.74
C SER A 179 -6.43 -18.49 21.15
N PRO A 180 -5.58 -19.37 21.69
CA PRO A 180 -6.02 -20.70 22.12
C PRO A 180 -6.98 -20.61 23.31
N ASP A 181 -7.31 -19.38 23.69
CA ASP A 181 -8.22 -19.14 24.79
C ASP A 181 -9.55 -18.64 24.27
N LEU A 182 -9.55 -18.10 23.06
CA LEU A 182 -10.77 -17.56 22.47
C LEU A 182 -11.70 -18.63 21.94
N GLN A 183 -12.72 -18.98 22.72
CA GLN A 183 -13.68 -19.99 22.32
C GLN A 183 -15.07 -19.38 22.17
N SER A 184 -15.32 -18.34 22.97
CA SER A 184 -16.59 -17.62 22.93
C SER A 184 -16.37 -16.11 23.01
N MET A 185 -16.99 -15.36 22.10
CA MET A 185 -16.84 -13.93 22.05
C MET A 185 -17.02 -13.31 23.42
N GLU A 186 -17.91 -13.91 24.22
CA GLU A 186 -18.19 -13.43 25.56
C GLU A 186 -16.95 -13.19 26.41
N GLN A 187 -15.86 -13.89 26.11
CA GLN A 187 -14.62 -13.72 26.88
C GLN A 187 -14.04 -12.34 26.60
N ILE A 188 -14.33 -11.84 25.41
CA ILE A 188 -13.87 -10.54 24.98
C ILE A 188 -14.73 -9.49 25.70
N ARG A 189 -16.04 -9.67 25.61
CA ARG A 189 -16.99 -8.77 26.22
C ARG A 189 -16.82 -8.56 27.73
N ARG A 190 -16.40 -9.59 28.43
CA ARG A 190 -16.22 -9.49 29.87
C ARG A 190 -14.83 -8.97 30.18
N ILE A 191 -14.29 -8.12 29.31
CA ILE A 191 -12.95 -7.63 29.59
C ILE A 191 -12.89 -6.22 30.18
N MET A 192 -12.38 -6.16 31.40
CA MET A 192 -12.23 -4.92 32.13
C MET A 192 -11.56 -3.89 31.25
N ARG A 193 -11.89 -2.64 31.49
CA ARG A 193 -11.33 -1.54 30.71
C ARG A 193 -11.58 -0.31 31.56
N PRO A 194 -10.56 0.58 31.73
CA PRO A 194 -9.20 0.54 31.20
C PRO A 194 -8.40 -0.69 31.60
N THR A 195 -7.40 -1.00 30.79
CA THR A 195 -6.57 -2.16 31.06
C THR A 195 -5.28 -2.13 30.24
N ASP A 196 -4.28 -2.87 30.69
CA ASP A 196 -3.01 -2.95 30.01
C ASP A 196 -2.93 -4.28 29.25
N VAL A 197 -1.80 -4.53 28.62
CA VAL A 197 -1.62 -5.77 27.87
C VAL A 197 -0.51 -6.64 28.47
N PRO A 198 -0.89 -7.82 29.00
CA PRO A 198 -0.01 -8.82 29.62
C PRO A 198 0.91 -9.46 28.59
N ASP A 199 1.95 -10.16 29.06
CA ASP A 199 2.87 -10.82 28.14
C ASP A 199 2.20 -12.11 27.65
N THR A 200 1.12 -12.47 28.33
CA THR A 200 0.38 -13.66 27.95
C THR A 200 -1.09 -13.46 28.29
N GLY A 201 -1.96 -14.13 27.54
CA GLY A 201 -3.37 -14.04 27.81
C GLY A 201 -4.13 -13.95 26.52
N LEU A 202 -5.45 -13.93 26.62
CA LEU A 202 -6.34 -13.82 25.46
C LEU A 202 -6.18 -12.48 24.77
N LEU A 203 -6.24 -11.39 25.55
CA LEU A 203 -6.09 -10.05 24.98
C LEU A 203 -4.72 -9.87 24.37
N CYS A 204 -3.71 -10.49 24.96
CA CYS A 204 -2.36 -10.37 24.42
C CYS A 204 -2.27 -11.07 23.07
N ASP A 205 -2.95 -12.20 22.96
CA ASP A 205 -2.94 -12.96 21.70
C ASP A 205 -3.61 -12.17 20.58
N LEU A 206 -4.78 -11.61 20.87
CA LEU A 206 -5.50 -10.82 19.88
C LEU A 206 -4.64 -9.69 19.33
N LEU A 207 -3.83 -9.08 20.19
CA LEU A 207 -2.98 -8.00 19.75
C LEU A 207 -1.64 -8.46 19.19
N TRP A 208 -1.26 -9.71 19.44
CA TRP A 208 0.05 -10.19 18.97
C TRP A 208 0.17 -11.33 17.97
N SER A 209 -0.48 -12.46 18.23
CA SER A 209 -0.41 -13.63 17.36
C SER A 209 -0.32 -13.36 15.85
N ASP A 210 0.12 -14.38 15.10
CA ASP A 210 0.30 -14.29 13.65
C ASP A 210 -0.06 -15.60 12.94
N PRO A 211 -0.39 -15.52 11.64
CA PRO A 211 -0.73 -16.71 10.86
C PRO A 211 0.57 -17.29 10.31
N ASP A 212 0.63 -18.59 10.14
CA ASP A 212 1.84 -19.23 9.60
C ASP A 212 1.49 -20.52 8.87
N LYS A 213 1.56 -20.48 7.55
CA LYS A 213 1.23 -21.66 6.74
C LYS A 213 2.07 -22.86 7.17
N ASP A 214 3.35 -22.62 7.41
CA ASP A 214 4.28 -23.68 7.83
C ASP A 214 3.86 -24.29 9.17
N VAL A 215 2.78 -23.78 9.76
CA VAL A 215 2.32 -24.28 11.05
C VAL A 215 0.95 -24.95 11.00
N GLN A 216 0.80 -26.00 11.80
CA GLN A 216 -0.45 -26.74 11.88
C GLN A 216 -0.88 -26.68 13.33
N GLY A 217 -2.05 -26.12 13.58
CA GLY A 217 -2.49 -26.00 14.95
C GLY A 217 -1.87 -24.73 15.51
N TRP A 218 -1.26 -24.84 16.70
CA TRP A 218 -0.62 -23.69 17.32
C TRP A 218 0.89 -23.81 17.33
N GLY A 219 1.57 -22.75 16.93
CA GLY A 219 3.02 -22.74 16.92
C GLY A 219 3.57 -21.57 17.70
N GLU A 220 4.87 -21.58 17.96
CA GLU A 220 5.48 -20.48 18.71
C GLU A 220 5.68 -19.33 17.76
N ASN A 221 5.95 -18.15 18.31
CA ASN A 221 6.12 -16.96 17.49
C ASN A 221 7.51 -16.34 17.62
N ASP A 222 8.13 -16.08 16.48
CA ASP A 222 9.46 -15.47 16.43
C ASP A 222 9.49 -14.08 17.06
N ARG A 223 8.33 -13.55 17.42
CA ARG A 223 8.24 -12.23 18.03
C ARG A 223 8.62 -12.31 19.51
N GLY A 224 8.75 -13.53 20.02
CA GLY A 224 9.10 -13.72 21.41
C GLY A 224 7.93 -13.61 22.37
N VAL A 225 6.74 -13.44 21.81
CA VAL A 225 5.52 -13.31 22.59
C VAL A 225 4.35 -13.93 21.83
N SER A 226 3.31 -14.34 22.54
CA SER A 226 2.13 -14.96 21.92
C SER A 226 2.56 -16.12 21.02
N PHE A 227 1.68 -16.50 20.09
CA PHE A 227 1.98 -17.61 19.21
C PHE A 227 1.81 -17.28 17.72
N THR A 228 1.47 -18.32 16.97
CA THR A 228 1.21 -18.28 15.54
C THR A 228 0.16 -19.38 15.35
N PHE A 229 -0.68 -19.24 14.33
CA PHE A 229 -1.72 -20.24 14.11
C PHE A 229 -1.73 -20.74 12.68
N GLY A 230 -2.08 -22.02 12.52
CA GLY A 230 -2.14 -22.60 11.20
C GLY A 230 -3.49 -22.33 10.57
N ALA A 231 -3.58 -22.59 9.28
CA ALA A 231 -4.83 -22.38 8.56
C ALA A 231 -5.95 -23.21 9.17
N ASP A 232 -5.60 -24.35 9.75
CA ASP A 232 -6.59 -25.24 10.36
C ASP A 232 -7.26 -24.63 11.60
N VAL A 233 -6.52 -23.79 12.31
CA VAL A 233 -7.07 -23.13 13.49
C VAL A 233 -8.06 -22.06 13.00
N VAL A 234 -7.70 -21.41 11.90
CA VAL A 234 -8.55 -20.37 11.32
C VAL A 234 -9.90 -20.99 10.98
N SER A 235 -9.85 -22.14 10.32
CA SER A 235 -11.05 -22.85 9.91
C SER A 235 -11.89 -23.27 11.11
N LYS A 236 -11.24 -23.82 12.14
CA LYS A 236 -11.97 -24.25 13.32
C LYS A 236 -12.70 -23.04 13.91
N PHE A 237 -12.01 -21.91 13.97
CA PHE A 237 -12.58 -20.68 14.51
C PHE A 237 -13.83 -20.27 13.75
N LEU A 238 -13.67 -20.03 12.46
CA LEU A 238 -14.79 -19.63 11.61
C LEU A 238 -15.92 -20.64 11.69
N ASN A 239 -15.60 -21.91 11.42
CA ASN A 239 -16.59 -22.97 11.47
C ASN A 239 -17.33 -22.94 12.80
N ARG A 240 -16.65 -22.49 13.84
CA ARG A 240 -17.24 -22.42 15.17
C ARG A 240 -18.26 -21.31 15.28
N HIS A 241 -17.82 -20.06 15.25
CA HIS A 241 -18.74 -18.94 15.37
C HIS A 241 -19.51 -18.63 14.08
N ASP A 242 -19.34 -19.51 13.09
CA ASP A 242 -20.01 -19.35 11.81
C ASP A 242 -19.64 -18.01 11.16
N LEU A 243 -18.35 -17.80 10.97
CA LEU A 243 -17.86 -16.57 10.35
C LEU A 243 -17.30 -16.84 8.96
N ASP A 244 -17.25 -15.79 8.14
CA ASP A 244 -16.75 -15.90 6.78
C ASP A 244 -15.30 -15.47 6.67
N LEU A 245 -14.92 -14.42 7.40
CA LEU A 245 -13.56 -13.93 7.30
C LEU A 245 -12.97 -13.42 8.61
N ILE A 246 -11.64 -13.40 8.67
CA ILE A 246 -10.90 -12.89 9.81
C ILE A 246 -9.97 -11.80 9.24
N CYS A 247 -10.35 -10.54 9.44
CA CYS A 247 -9.55 -9.43 8.93
C CYS A 247 -8.59 -8.95 10.02
N ARG A 248 -7.34 -8.70 9.64
CA ARG A 248 -6.34 -8.24 10.58
C ARG A 248 -5.18 -7.57 9.91
N ALA A 249 -4.29 -7.01 10.70
CA ALA A 249 -3.09 -6.33 10.20
C ALA A 249 -1.90 -6.90 10.94
N HIS A 250 -1.12 -6.05 11.60
CA HIS A 250 0.04 -6.50 12.38
C HIS A 250 1.28 -6.88 11.57
N GLN A 251 1.10 -7.45 10.38
CA GLN A 251 2.25 -7.85 9.56
C GLN A 251 2.36 -7.14 8.23
N VAL A 252 3.58 -6.76 7.87
CA VAL A 252 3.86 -6.08 6.62
C VAL A 252 3.64 -7.04 5.45
N VAL A 253 2.84 -6.63 4.47
CA VAL A 253 2.56 -7.44 3.29
C VAL A 253 2.77 -6.61 2.03
N GLU A 254 3.63 -7.11 1.14
CA GLU A 254 3.98 -6.44 -0.10
C GLU A 254 2.90 -5.58 -0.82
N ASP A 255 1.71 -6.15 -1.01
CA ASP A 255 0.65 -5.44 -1.71
C ASP A 255 -0.45 -4.81 -0.88
N GLY A 256 -0.17 -4.51 0.39
CA GLY A 256 -1.17 -3.91 1.26
C GLY A 256 -2.12 -4.93 1.86
N TYR A 257 -2.36 -6.01 1.14
CA TYR A 257 -3.21 -7.09 1.63
C TYR A 257 -2.58 -8.44 1.30
N GLU A 258 -3.10 -9.50 1.92
CA GLU A 258 -2.59 -10.84 1.67
C GLU A 258 -3.52 -11.90 2.24
N PHE A 259 -3.97 -12.82 1.38
CA PHE A 259 -4.88 -13.89 1.78
C PHE A 259 -4.18 -15.03 2.52
N PHE A 260 -4.97 -15.84 3.22
CA PHE A 260 -4.44 -16.96 3.99
C PHE A 260 -5.53 -18.02 4.19
N ALA A 261 -5.13 -19.27 4.32
CA ALA A 261 -6.06 -20.37 4.54
C ALA A 261 -7.18 -20.40 3.49
N LYS A 262 -6.83 -20.04 2.26
CA LYS A 262 -7.79 -20.01 1.15
C LYS A 262 -8.79 -18.87 1.33
N ARG A 263 -8.27 -17.65 1.37
CA ARG A 263 -9.10 -16.46 1.51
C ARG A 263 -10.00 -16.44 2.73
N GLN A 264 -9.70 -17.27 3.73
CA GLN A 264 -10.49 -17.31 4.97
C GLN A 264 -10.03 -16.17 5.89
N LEU A 265 -8.77 -15.78 5.73
CA LEU A 265 -8.19 -14.71 6.53
C LEU A 265 -7.42 -13.77 5.61
N VAL A 266 -7.42 -12.51 5.98
CA VAL A 266 -6.71 -11.49 5.21
C VAL A 266 -5.92 -10.59 6.15
N THR A 267 -4.77 -10.14 5.66
CA THR A 267 -3.91 -9.24 6.41
C THR A 267 -3.83 -7.93 5.66
N LEU A 268 -4.02 -6.83 6.36
CA LEU A 268 -3.95 -5.52 5.74
C LEU A 268 -2.89 -4.73 6.43
N PHE A 269 -2.10 -4.01 5.65
CA PHE A 269 -1.06 -3.16 6.19
C PHE A 269 -1.23 -1.87 5.37
N SER A 270 -1.45 -0.76 6.06
CA SER A 270 -1.67 0.51 5.39
C SER A 270 -0.55 1.54 5.49
N ALA A 271 0.67 1.09 5.77
CA ALA A 271 1.81 2.00 5.88
C ALA A 271 2.79 1.78 4.74
N PRO A 272 2.60 2.49 3.62
CA PRO A 272 3.44 2.39 2.43
C PRO A 272 4.92 2.56 2.72
N ASN A 273 5.73 1.68 2.14
CA ASN A 273 7.18 1.72 2.36
C ASN A 273 7.44 1.90 3.85
N TYR A 274 7.03 0.90 4.62
CA TYR A 274 7.18 0.89 6.06
C TYR A 274 8.61 1.04 6.57
N CYS A 275 8.82 2.08 7.38
CA CYS A 275 10.14 2.38 7.97
C CYS A 275 11.19 2.72 6.90
N GLY A 276 10.76 2.86 5.65
CA GLY A 276 11.71 3.17 4.59
C GLY A 276 12.58 1.96 4.30
N GLU A 277 12.46 0.94 5.14
CA GLU A 277 13.22 -0.29 5.02
C GLU A 277 12.64 -1.16 3.92
N PHE A 278 11.37 -1.51 4.08
CA PHE A 278 10.68 -2.33 3.09
C PHE A 278 10.17 -1.41 1.98
N ASP A 279 9.62 -2.01 0.92
CA ASP A 279 9.09 -1.23 -0.20
C ASP A 279 7.72 -1.80 -0.53
N ASN A 280 6.88 -1.84 0.51
CA ASN A 280 5.52 -2.37 0.43
C ASN A 280 4.51 -1.27 0.12
N ALA A 281 3.36 -1.67 -0.40
CA ALA A 281 2.30 -0.73 -0.69
C ALA A 281 1.36 -0.76 0.51
N GLY A 282 0.48 0.22 0.60
CA GLY A 282 -0.48 0.27 1.69
C GLY A 282 -1.79 -0.31 1.22
N GLY A 283 -2.54 -0.95 2.11
CA GLY A 283 -3.81 -1.53 1.72
C GLY A 283 -5.02 -0.88 2.39
N MET A 284 -6.20 -1.21 1.89
CA MET A 284 -7.45 -0.69 2.43
C MET A 284 -8.59 -1.50 1.83
N MET A 285 -9.33 -2.21 2.68
CA MET A 285 -10.41 -3.05 2.19
C MET A 285 -11.78 -2.39 2.25
N SER A 286 -12.45 -2.34 1.10
CA SER A 286 -13.78 -1.76 1.00
C SER A 286 -14.81 -2.85 1.15
N VAL A 287 -15.74 -2.66 2.08
CA VAL A 287 -16.78 -3.64 2.30
C VAL A 287 -18.12 -2.93 2.13
N ASP A 288 -18.82 -3.22 1.03
CA ASP A 288 -20.12 -2.59 0.75
C ASP A 288 -21.20 -3.32 1.51
N GLU A 289 -22.45 -2.85 1.36
CA GLU A 289 -23.58 -3.47 2.06
C GLU A 289 -23.82 -4.94 1.69
N THR A 290 -23.18 -5.43 0.63
CA THR A 290 -23.32 -6.82 0.20
C THR A 290 -22.22 -7.70 0.77
N LEU A 291 -21.14 -7.05 1.19
CA LEU A 291 -19.98 -7.74 1.74
C LEU A 291 -19.09 -8.10 0.56
N MET A 292 -19.18 -7.29 -0.50
CA MET A 292 -18.37 -7.46 -1.69
C MET A 292 -17.07 -6.74 -1.32
N CYS A 293 -16.08 -7.51 -0.91
CA CYS A 293 -14.81 -6.93 -0.52
C CYS A 293 -13.86 -6.68 -1.68
N SER A 294 -13.34 -5.47 -1.74
CA SER A 294 -12.40 -5.06 -2.78
C SER A 294 -11.22 -4.39 -2.08
N PHE A 295 -10.11 -4.24 -2.80
CA PHE A 295 -8.91 -3.64 -2.21
C PHE A 295 -8.41 -2.40 -2.93
N GLN A 296 -8.30 -1.30 -2.19
CA GLN A 296 -7.80 -0.06 -2.76
C GLN A 296 -6.35 0.03 -2.29
N ILE A 297 -5.43 0.00 -3.24
CA ILE A 297 -4.01 0.04 -2.91
C ILE A 297 -3.38 1.43 -2.96
N LEU A 298 -2.34 1.62 -2.16
CA LEU A 298 -1.65 2.89 -2.07
C LEU A 298 -0.16 2.63 -2.23
N LYS A 299 0.33 2.81 -3.45
CA LYS A 299 1.74 2.61 -3.79
C LYS A 299 2.61 3.53 -2.95
N PRO A 300 3.85 3.12 -2.68
CA PRO A 300 4.69 4.01 -1.89
C PRO A 300 4.76 5.35 -2.60
N SER A 301 4.74 6.43 -1.85
CA SER A 301 4.81 7.74 -2.46
C SER A 301 6.21 7.90 -3.04
N GLU A 302 6.43 8.97 -3.81
CA GLU A 302 7.73 9.23 -4.40
C GLU A 302 8.26 8.05 -5.24
N LYS A 303 7.35 7.15 -5.59
CA LYS A 303 7.68 6.00 -6.40
C LYS A 303 7.09 6.32 -7.77
N LYS A 304 7.60 7.39 -8.37
CA LYS A 304 7.12 7.85 -9.67
C LYS A 304 7.48 6.93 -10.83
N ALA A 305 6.50 6.58 -11.66
CA ALA A 305 6.71 5.73 -12.82
C ALA A 305 7.08 6.58 -14.03
N LYS A 306 8.27 6.35 -14.60
CA LYS A 306 8.75 7.11 -15.75
C LYS A 306 7.74 7.15 -16.90
N TYR A 307 7.40 8.38 -17.31
CA TYR A 307 6.43 8.67 -18.36
C TYR A 307 6.64 7.98 -19.70
N GLN A 308 5.56 7.81 -20.44
CA GLN A 308 5.60 7.19 -21.77
C GLN A 308 4.59 7.93 -22.62
N TYR A 309 4.97 8.24 -23.86
CA TYR A 309 4.11 8.98 -24.77
C TYR A 309 2.62 8.54 -24.82
N GLY A 310 2.41 7.22 -24.90
CA GLY A 310 1.05 6.72 -24.94
C GLY A 310 0.43 6.71 -26.32
N GLY A 311 0.74 5.67 -27.09
CA GLY A 311 0.23 5.58 -28.45
C GLY A 311 1.36 5.77 -29.44
N MET B 1 8.98 -17.88 36.71
CA MET B 1 7.99 -16.98 37.35
C MET B 1 8.20 -15.54 36.89
N LYS B 2 9.30 -15.32 36.17
CA LYS B 2 9.65 -14.01 35.62
C LYS B 2 9.91 -14.26 34.14
N MET B 3 10.32 -15.49 33.83
CA MET B 3 10.59 -15.93 32.46
C MET B 3 9.73 -17.17 32.21
N ALA B 4 9.60 -18.02 33.23
CA ALA B 4 8.77 -19.20 33.13
C ALA B 4 7.44 -18.61 32.69
N ASP B 5 7.18 -17.41 33.19
CA ASP B 5 5.97 -16.64 32.88
C ASP B 5 5.61 -16.89 31.42
N ALA B 6 6.13 -16.04 30.53
CA ALA B 6 5.86 -16.14 29.10
C ALA B 6 5.87 -17.56 28.56
N LYS B 7 6.90 -18.32 28.91
CA LYS B 7 6.99 -19.68 28.40
C LYS B 7 6.00 -20.66 28.99
N GLN B 8 5.89 -20.72 30.31
CA GLN B 8 4.98 -21.65 30.96
C GLN B 8 3.51 -21.26 30.87
N LYS B 9 3.24 -19.96 31.02
CA LYS B 9 1.87 -19.46 30.92
C LYS B 9 1.30 -19.85 29.55
N ARG B 10 2.09 -19.63 28.52
CA ARG B 10 1.69 -19.98 27.16
C ARG B 10 1.46 -21.48 27.10
N ASN B 11 2.37 -22.24 27.69
CA ASN B 11 2.23 -23.67 27.70
C ASN B 11 0.97 -24.08 28.42
N GLU B 12 0.90 -23.82 29.73
CA GLU B 12 -0.27 -24.17 30.53
C GLU B 12 -1.50 -23.46 29.98
N GLN B 13 -1.36 -22.97 28.74
CA GLN B 13 -2.39 -22.25 28.01
C GLN B 13 -2.79 -23.13 26.82
N LEU B 14 -1.78 -23.53 26.03
CA LEU B 14 -2.01 -24.41 24.88
C LEU B 14 -2.80 -25.60 25.41
N LYS B 15 -2.41 -26.04 26.60
CA LYS B 15 -3.03 -27.16 27.27
C LYS B 15 -4.54 -27.09 27.22
N ARG B 16 -5.10 -26.03 27.80
CA ARG B 16 -6.56 -25.88 27.83
C ARG B 16 -7.16 -26.00 26.42
N TRP B 17 -6.43 -25.53 25.42
CA TRP B 17 -6.88 -25.59 24.05
C TRP B 17 -7.11 -27.01 23.56
N ILE B 18 -6.42 -27.97 24.17
CA ILE B 18 -6.55 -29.38 23.80
C ILE B 18 -7.99 -29.86 23.86
N GLY B 19 -8.54 -29.96 25.07
CA GLY B 19 -9.92 -30.38 25.20
C GLY B 19 -10.86 -29.40 24.53
N SER B 20 -10.43 -28.14 24.44
CA SER B 20 -11.23 -27.08 23.83
C SER B 20 -11.65 -27.46 22.42
N GLU B 21 -12.38 -26.55 21.76
CA GLU B 21 -12.86 -26.80 20.41
C GLU B 21 -11.80 -26.87 19.32
N THR B 22 -10.78 -27.68 19.58
CA THR B 22 -9.71 -27.91 18.63
C THR B 22 -10.28 -29.10 17.86
N ASP B 23 -11.37 -29.61 18.42
CA ASP B 23 -12.09 -30.74 17.87
C ASP B 23 -13.16 -30.27 16.89
N LEU B 24 -13.53 -29.00 16.96
CA LEU B 24 -14.54 -28.49 16.04
C LEU B 24 -14.09 -28.75 14.61
N GLU B 25 -14.77 -29.69 13.97
CA GLU B 25 -14.48 -30.09 12.60
C GLU B 25 -13.84 -28.98 11.75
N PRO B 26 -12.50 -29.08 11.52
CA PRO B 26 -11.52 -28.26 10.79
C PRO B 26 -11.49 -28.09 9.26
N PRO B 27 -12.62 -28.27 8.55
CA PRO B 27 -12.55 -28.11 7.09
C PRO B 27 -12.92 -26.73 6.50
N VAL B 28 -14.11 -26.69 5.94
CA VAL B 28 -14.70 -25.51 5.31
C VAL B 28 -16.12 -25.50 5.85
N VAL B 29 -16.75 -26.68 5.80
CA VAL B 29 -18.13 -26.86 6.24
C VAL B 29 -18.92 -25.72 5.62
N LYS B 30 -18.75 -25.55 4.31
CA LYS B 30 -19.45 -24.50 3.59
C LYS B 30 -20.88 -24.33 4.05
N ARG B 31 -21.05 -23.43 5.01
CA ARG B 31 -22.34 -23.13 5.57
C ARG B 31 -23.17 -22.55 4.45
N LYS B 32 -24.47 -22.44 4.67
CA LYS B 32 -25.34 -21.87 3.65
C LYS B 32 -25.19 -20.35 3.72
N LYS B 33 -24.01 -19.90 4.16
CA LYS B 33 -23.78 -18.46 4.29
C LYS B 33 -22.45 -17.88 3.84
N THR B 34 -21.95 -18.28 2.67
CA THR B 34 -20.71 -17.69 2.20
C THR B 34 -21.15 -16.35 1.58
N LYS B 35 -21.52 -15.43 2.46
CA LYS B 35 -22.01 -14.12 2.09
C LYS B 35 -20.91 -13.12 1.72
N VAL B 36 -19.70 -13.40 2.15
CA VAL B 36 -18.59 -12.50 1.86
C VAL B 36 -17.87 -12.95 0.61
N LYS B 37 -17.60 -11.98 -0.27
CA LYS B 37 -16.92 -12.27 -1.53
C LYS B 37 -15.84 -11.22 -1.80
N PHE B 38 -14.90 -11.55 -2.67
CA PHE B 38 -13.84 -10.62 -3.02
C PHE B 38 -13.92 -10.29 -4.51
N ASP B 39 -13.48 -9.09 -4.87
CA ASP B 39 -13.48 -8.65 -6.24
C ASP B 39 -12.85 -9.70 -7.15
N ASP B 40 -13.39 -9.84 -8.36
CA ASP B 40 -12.89 -10.81 -9.33
C ASP B 40 -11.40 -10.67 -9.54
N GLY B 41 -10.96 -9.44 -9.81
CA GLY B 41 -9.54 -9.20 -10.03
C GLY B 41 -8.69 -9.73 -8.89
N ALA B 42 -9.03 -9.33 -7.67
CA ALA B 42 -8.29 -9.79 -6.51
C ALA B 42 -8.24 -11.32 -6.47
N VAL B 43 -9.41 -11.94 -6.65
CA VAL B 43 -9.52 -13.39 -6.61
C VAL B 43 -8.81 -14.11 -7.75
N PHE B 44 -8.87 -13.54 -8.95
CA PHE B 44 -8.21 -14.14 -10.10
C PHE B 44 -6.71 -13.97 -10.00
N LEU B 45 -6.28 -12.72 -9.90
CA LEU B 45 -4.86 -12.38 -9.81
C LEU B 45 -4.14 -13.23 -8.77
N ALA B 46 -4.88 -13.74 -7.79
CA ALA B 46 -4.30 -14.54 -6.72
C ALA B 46 -4.38 -16.04 -6.96
N ALA B 47 -5.51 -16.49 -7.49
CA ALA B 47 -5.68 -17.92 -7.77
C ALA B 47 -4.51 -18.45 -8.59
N CYS B 48 -3.99 -17.59 -9.47
CA CYS B 48 -2.88 -18.01 -10.31
C CYS B 48 -1.65 -18.07 -9.44
N SER B 49 -1.48 -17.06 -8.59
CA SER B 49 -0.34 -16.96 -7.69
C SER B 49 0.00 -18.26 -6.97
N SER B 50 -0.93 -18.76 -6.17
CA SER B 50 -0.72 -20.00 -5.44
C SER B 50 -0.38 -21.10 -6.44
N GLY B 51 -1.15 -21.16 -7.52
CA GLY B 51 -0.90 -22.16 -8.55
C GLY B 51 -2.08 -23.07 -8.84
N ASP B 52 -3.22 -22.74 -8.26
CA ASP B 52 -4.44 -23.54 -8.45
C ASP B 52 -4.90 -23.38 -9.89
N THR B 53 -4.09 -23.88 -10.81
CA THR B 53 -4.40 -23.85 -12.24
C THR B 53 -5.88 -24.16 -12.42
N GLU B 54 -6.32 -25.17 -11.67
CA GLU B 54 -7.69 -25.63 -11.69
C GLU B 54 -8.73 -24.52 -11.48
N GLU B 55 -8.66 -23.82 -10.35
CA GLU B 55 -9.63 -22.77 -10.08
C GLU B 55 -9.60 -21.63 -11.09
N VAL B 56 -8.43 -21.35 -11.66
CA VAL B 56 -8.32 -20.28 -12.64
C VAL B 56 -9.26 -20.60 -13.80
N LEU B 57 -9.28 -21.88 -14.18
CA LEU B 57 -10.14 -22.35 -15.25
C LEU B 57 -11.58 -21.95 -14.98
N ARG B 58 -12.10 -22.36 -13.83
CA ARG B 58 -13.48 -22.03 -13.48
C ARG B 58 -13.67 -20.53 -13.45
N LEU B 59 -12.70 -19.83 -12.86
CA LEU B 59 -12.76 -18.37 -12.77
C LEU B 59 -12.85 -17.76 -14.17
N LEU B 60 -12.12 -18.37 -15.10
CA LEU B 60 -12.14 -17.91 -16.48
C LEU B 60 -13.46 -18.35 -17.09
N GLU B 61 -13.78 -19.62 -16.91
CA GLU B 61 -15.01 -20.19 -17.43
C GLU B 61 -16.21 -19.35 -17.00
N ARG B 62 -16.12 -18.75 -15.81
CA ARG B 62 -17.21 -17.92 -15.29
C ARG B 62 -17.17 -16.52 -15.88
N GLY B 63 -15.98 -16.08 -16.31
CA GLY B 63 -15.86 -14.76 -16.91
C GLY B 63 -14.92 -13.80 -16.21
N ALA B 64 -13.61 -14.04 -16.37
CA ALA B 64 -12.62 -13.18 -15.75
C ALA B 64 -11.55 -12.82 -16.77
N ASP B 65 -11.27 -11.52 -16.90
CA ASP B 65 -10.25 -11.05 -17.83
C ASP B 65 -8.93 -11.73 -17.49
N ILE B 66 -8.40 -12.50 -18.43
CA ILE B 66 -7.14 -13.18 -18.20
C ILE B 66 -6.03 -12.15 -18.06
N ASN B 67 -6.15 -11.06 -18.83
CA ASN B 67 -5.17 -9.99 -18.78
C ASN B 67 -5.48 -8.91 -17.73
N TYR B 68 -5.81 -9.34 -16.53
CA TYR B 68 -6.10 -8.43 -15.43
C TYR B 68 -4.74 -8.21 -14.79
N ALA B 69 -4.52 -7.02 -14.24
CA ALA B 69 -3.23 -6.72 -13.62
C ALA B 69 -3.33 -5.80 -12.42
N ASN B 70 -2.46 -6.04 -11.45
CA ASN B 70 -2.41 -5.25 -10.23
C ASN B 70 -2.02 -3.81 -10.51
N VAL B 71 -1.78 -3.07 -9.44
CA VAL B 71 -1.41 -1.66 -9.46
C VAL B 71 -0.16 -1.37 -10.28
N ASP B 72 0.79 -2.30 -10.29
CA ASP B 72 2.03 -2.11 -11.04
C ASP B 72 1.89 -2.54 -12.51
N GLY B 73 0.71 -3.00 -12.88
CA GLY B 73 0.45 -3.40 -14.25
C GLY B 73 0.80 -4.83 -14.55
N LEU B 74 1.32 -5.55 -13.55
CA LEU B 74 1.70 -6.94 -13.75
C LEU B 74 0.49 -7.83 -13.96
N THR B 75 0.52 -8.59 -15.05
CA THR B 75 -0.56 -9.50 -15.40
C THR B 75 -0.36 -10.82 -14.69
N ALA B 76 -1.31 -11.72 -14.85
CA ALA B 76 -1.21 -13.03 -14.23
C ALA B 76 -0.02 -13.76 -14.86
N LEU B 77 0.44 -13.26 -16.00
CA LEU B 77 1.57 -13.89 -16.67
C LEU B 77 2.89 -13.31 -16.15
N HIS B 78 3.01 -11.98 -16.10
CA HIS B 78 4.22 -11.34 -15.59
C HIS B 78 4.70 -12.05 -14.35
N GLN B 79 3.82 -12.12 -13.35
CA GLN B 79 4.12 -12.77 -12.08
C GLN B 79 4.53 -14.21 -12.29
N ALA B 80 3.81 -14.93 -13.14
CA ALA B 80 4.12 -16.33 -13.43
C ALA B 80 5.59 -16.47 -13.83
N CYS B 81 6.05 -15.60 -14.72
CA CYS B 81 7.45 -15.60 -15.19
C CYS B 81 8.39 -15.30 -14.04
N ILE B 82 8.09 -14.26 -13.29
CA ILE B 82 8.89 -13.82 -12.15
C ILE B 82 9.08 -14.93 -11.11
N ASP B 83 8.20 -15.92 -11.14
CA ASP B 83 8.25 -17.04 -10.19
C ASP B 83 8.76 -18.35 -10.84
N ASP B 84 9.34 -18.23 -12.02
CA ASP B 84 9.82 -19.39 -12.79
C ASP B 84 8.79 -20.51 -12.71
N ASN B 85 7.52 -20.11 -12.68
CA ASN B 85 6.39 -21.02 -12.62
C ASN B 85 6.03 -21.44 -14.04
N VAL B 86 6.95 -22.16 -14.67
CA VAL B 86 6.78 -22.63 -16.04
C VAL B 86 5.35 -23.02 -16.37
N ASP B 87 4.89 -24.11 -15.75
CA ASP B 87 3.56 -24.64 -15.96
C ASP B 87 2.46 -23.57 -16.09
N MET B 88 2.48 -22.59 -15.21
CA MET B 88 1.48 -21.53 -15.25
C MET B 88 1.63 -20.65 -16.48
N VAL B 89 2.86 -20.26 -16.79
CA VAL B 89 3.10 -19.41 -17.94
C VAL B 89 2.42 -20.00 -19.17
N LYS B 90 2.60 -21.30 -19.36
CA LYS B 90 2.01 -22.00 -20.50
C LYS B 90 0.48 -22.05 -20.36
N PHE B 91 0.03 -22.37 -19.16
CA PHE B 91 -1.41 -22.44 -18.88
C PHE B 91 -2.02 -21.09 -19.31
N LEU B 92 -1.40 -20.01 -18.85
CA LEU B 92 -1.87 -18.66 -19.16
C LEU B 92 -1.92 -18.40 -20.67
N VAL B 93 -0.82 -18.70 -21.37
CA VAL B 93 -0.75 -18.48 -22.80
C VAL B 93 -1.72 -19.37 -23.56
N GLU B 94 -1.79 -20.64 -23.16
CA GLU B 94 -2.68 -21.60 -23.81
C GLU B 94 -4.15 -21.28 -23.53
N ASN B 95 -4.41 -20.39 -22.57
CA ASN B 95 -5.78 -20.02 -22.24
C ASN B 95 -6.16 -18.63 -22.72
N GLY B 96 -5.28 -18.00 -23.50
CA GLY B 96 -5.59 -16.69 -24.05
C GLY B 96 -4.72 -15.53 -23.58
N ALA B 97 -3.79 -15.80 -22.68
CA ALA B 97 -2.92 -14.76 -22.15
C ALA B 97 -2.24 -13.92 -23.23
N ASN B 98 -2.31 -12.60 -23.07
CA ASN B 98 -1.66 -11.71 -24.02
C ASN B 98 -0.19 -11.88 -23.72
N ILE B 99 0.55 -12.46 -24.64
CA ILE B 99 1.97 -12.71 -24.44
C ILE B 99 2.86 -11.46 -24.45
N ASN B 100 2.36 -10.35 -24.97
CA ASN B 100 3.17 -9.13 -25.05
C ASN B 100 2.70 -7.98 -24.16
N GLN B 101 1.76 -8.26 -23.25
CA GLN B 101 1.20 -7.26 -22.34
C GLN B 101 2.27 -6.54 -21.52
N PRO B 102 2.35 -5.20 -21.64
CA PRO B 102 3.37 -4.45 -20.88
C PRO B 102 2.92 -4.12 -19.46
N ASP B 103 3.88 -3.93 -18.57
CA ASP B 103 3.55 -3.59 -17.19
C ASP B 103 3.57 -2.07 -17.15
N ASN B 104 3.29 -1.49 -16.00
CA ASN B 104 3.29 -0.04 -15.90
C ASN B 104 4.66 0.59 -16.12
N GLU B 105 5.64 -0.22 -16.50
CA GLU B 105 6.98 0.31 -16.74
C GLU B 105 7.56 -0.09 -18.12
N GLY B 106 6.70 -0.60 -19.00
CA GLY B 106 7.13 -0.99 -20.33
C GLY B 106 7.79 -2.37 -20.35
N TRP B 107 7.59 -3.13 -19.29
CA TRP B 107 8.15 -4.46 -19.18
C TRP B 107 7.16 -5.52 -19.62
N ILE B 108 7.48 -6.27 -20.67
CA ILE B 108 6.58 -7.34 -21.07
C ILE B 108 7.14 -8.59 -20.42
N PRO B 109 6.30 -9.62 -20.23
CA PRO B 109 6.75 -10.87 -19.61
C PRO B 109 8.12 -11.35 -20.09
N LEU B 110 8.51 -11.00 -21.31
CA LEU B 110 9.82 -11.41 -21.83
C LEU B 110 10.93 -10.67 -21.08
N HIS B 111 10.66 -9.41 -20.73
CA HIS B 111 11.63 -8.61 -19.99
C HIS B 111 11.86 -9.32 -18.68
N ALA B 112 10.75 -9.64 -18.01
CA ALA B 112 10.80 -10.34 -16.73
C ALA B 112 11.70 -11.57 -16.77
N ALA B 113 11.33 -12.55 -17.59
CA ALA B 113 12.12 -13.78 -17.70
C ALA B 113 13.57 -13.45 -18.01
N ALA B 114 13.77 -12.52 -18.94
CA ALA B 114 15.12 -12.14 -19.31
C ALA B 114 15.90 -11.65 -18.10
N SER B 115 15.42 -10.60 -17.48
CA SER B 115 16.03 -10.01 -16.29
C SER B 115 16.26 -10.99 -15.15
N CYS B 116 15.47 -12.05 -15.09
CA CYS B 116 15.59 -13.01 -14.00
C CYS B 116 16.38 -14.27 -14.33
N GLY B 117 16.65 -14.50 -15.61
CA GLY B 117 17.45 -15.65 -16.03
C GLY B 117 16.70 -16.95 -16.22
N TYR B 118 15.38 -16.90 -16.14
CA TYR B 118 14.56 -18.10 -16.29
C TYR B 118 14.47 -18.51 -17.75
N LEU B 119 15.64 -18.72 -18.35
CA LEU B 119 15.83 -19.11 -19.74
C LEU B 119 14.81 -20.08 -20.35
N ASP B 120 14.46 -21.15 -19.63
CA ASP B 120 13.49 -22.11 -20.17
C ASP B 120 12.19 -21.42 -20.51
N ILE B 121 11.89 -20.35 -19.76
CA ILE B 121 10.67 -19.56 -19.98
C ILE B 121 10.88 -18.60 -21.14
N ALA B 122 12.02 -17.93 -21.13
CA ALA B 122 12.37 -16.98 -22.18
C ALA B 122 12.25 -17.70 -23.50
N GLU B 123 12.65 -18.98 -23.50
CA GLU B 123 12.57 -19.79 -24.71
C GLU B 123 11.12 -20.02 -25.10
N TYR B 124 10.30 -20.41 -24.12
CA TYR B 124 8.90 -20.65 -24.39
C TYR B 124 8.19 -19.41 -24.94
N LEU B 125 8.35 -18.29 -24.23
CA LEU B 125 7.72 -17.05 -24.65
C LEU B 125 8.16 -16.67 -26.06
N ILE B 126 9.48 -16.59 -26.26
CA ILE B 126 10.03 -16.23 -27.56
C ILE B 126 9.48 -17.10 -28.69
N SER B 127 9.21 -18.36 -28.40
CA SER B 127 8.69 -19.27 -29.40
C SER B 127 7.19 -19.05 -29.61
N GLN B 128 6.49 -18.68 -28.55
CA GLN B 128 5.05 -18.44 -28.64
C GLN B 128 4.73 -17.07 -29.18
N GLY B 129 5.72 -16.42 -29.80
CA GLY B 129 5.51 -15.12 -30.40
C GLY B 129 5.85 -13.90 -29.57
N ALA B 130 6.67 -14.08 -28.54
CA ALA B 130 7.05 -12.96 -27.70
C ALA B 130 7.78 -11.92 -28.55
N HIS B 131 7.64 -10.64 -28.20
CA HIS B 131 8.29 -9.56 -28.94
C HIS B 131 9.64 -9.16 -28.33
N VAL B 132 10.70 -9.63 -28.96
CA VAL B 132 12.07 -9.39 -28.48
C VAL B 132 12.57 -7.97 -28.65
N GLY B 133 11.87 -7.18 -29.45
CA GLY B 133 12.28 -5.80 -29.66
C GLY B 133 11.54 -4.77 -28.81
N ALA B 134 10.70 -5.24 -27.88
CA ALA B 134 9.94 -4.36 -27.01
C ALA B 134 10.85 -3.54 -26.12
N VAL B 135 10.60 -2.23 -26.07
CA VAL B 135 11.40 -1.32 -25.26
C VAL B 135 10.60 -0.81 -24.05
N ASN B 136 11.25 -0.66 -22.91
CA ASN B 136 10.58 -0.17 -21.70
C ASN B 136 10.99 1.26 -21.36
N SER B 137 10.49 1.75 -20.22
CA SER B 137 10.76 3.10 -19.74
C SER B 137 12.20 3.54 -19.88
N GLU B 138 13.14 2.65 -19.59
CA GLU B 138 14.55 2.99 -19.69
C GLU B 138 15.15 2.74 -21.08
N GLY B 139 14.30 2.40 -22.04
CA GLY B 139 14.75 2.16 -23.40
C GLY B 139 15.44 0.81 -23.57
N ASP B 140 15.16 -0.12 -22.68
CA ASP B 140 15.77 -1.43 -22.78
C ASP B 140 14.84 -2.51 -23.31
N THR B 141 15.42 -3.47 -24.01
CA THR B 141 14.68 -4.60 -24.55
C THR B 141 15.18 -5.78 -23.73
N PRO B 142 14.46 -6.90 -23.74
CA PRO B 142 14.90 -8.06 -22.97
C PRO B 142 16.40 -8.30 -23.08
N LEU B 143 16.93 -8.17 -24.30
CA LEU B 143 18.36 -8.36 -24.54
C LEU B 143 19.24 -7.45 -23.66
N ASP B 144 18.87 -6.19 -23.54
CA ASP B 144 19.62 -5.25 -22.74
C ASP B 144 19.62 -5.64 -21.28
N ILE B 145 18.52 -6.25 -20.84
CA ILE B 145 18.35 -6.67 -19.45
C ILE B 145 18.90 -8.07 -19.12
N ALA B 146 19.28 -8.82 -20.14
CA ALA B 146 19.82 -10.15 -19.93
C ALA B 146 21.24 -10.06 -19.37
N GLU B 147 21.38 -10.35 -18.08
CA GLU B 147 22.70 -10.29 -17.43
C GLU B 147 23.27 -11.68 -17.11
N GLU B 148 22.90 -12.67 -17.92
CA GLU B 148 23.37 -14.04 -17.79
C GLU B 148 23.76 -14.45 -19.20
N GLU B 149 24.98 -14.95 -19.38
CA GLU B 149 25.46 -15.35 -20.70
C GLU B 149 24.43 -16.15 -21.50
N ALA B 150 24.06 -17.32 -20.98
CA ALA B 150 23.10 -18.18 -21.65
C ALA B 150 21.89 -17.42 -22.16
N MET B 151 21.41 -16.47 -21.35
CA MET B 151 20.25 -15.65 -21.70
C MET B 151 20.60 -14.70 -22.85
N GLU B 152 21.64 -13.90 -22.65
CA GLU B 152 22.10 -12.93 -23.65
C GLU B 152 22.23 -13.61 -25.01
N GLU B 153 22.86 -14.77 -25.02
CA GLU B 153 23.07 -15.54 -26.24
C GLU B 153 21.75 -15.75 -26.96
N LEU B 154 20.83 -16.46 -26.31
CA LEU B 154 19.51 -16.77 -26.86
C LEU B 154 18.83 -15.53 -27.44
N LEU B 155 18.87 -14.43 -26.70
CA LEU B 155 18.24 -13.18 -27.13
C LEU B 155 19.02 -12.55 -28.27
N GLN B 156 20.35 -12.56 -28.15
CA GLN B 156 21.21 -11.99 -29.18
C GLN B 156 20.97 -12.71 -30.50
N ASN B 157 21.05 -14.04 -30.47
CA ASN B 157 20.85 -14.85 -31.66
C ASN B 157 19.39 -14.87 -32.08
N GLU B 158 18.56 -14.17 -31.32
CA GLU B 158 17.13 -14.12 -31.63
C GLU B 158 16.83 -12.80 -32.34
N VAL B 159 17.49 -11.73 -31.90
CA VAL B 159 17.31 -10.43 -32.51
C VAL B 159 17.93 -10.46 -33.90
N ASN B 160 19.11 -11.08 -33.97
CA ASN B 160 19.87 -11.21 -35.23
C ASN B 160 19.23 -12.24 -36.17
N ARG B 161 18.54 -13.21 -35.59
CA ARG B 161 17.86 -14.27 -36.33
C ARG B 161 16.63 -13.69 -37.04
N GLN B 162 15.94 -12.81 -36.34
CA GLN B 162 14.73 -12.17 -36.87
C GLN B 162 15.03 -10.86 -37.55
N GLY B 163 16.27 -10.40 -37.45
CA GLY B 163 16.66 -9.15 -38.09
C GLY B 163 15.95 -7.94 -37.50
N VAL B 164 15.81 -7.93 -36.18
CA VAL B 164 15.16 -6.82 -35.48
C VAL B 164 16.10 -5.64 -35.30
N ASP B 165 15.67 -4.47 -35.75
CA ASP B 165 16.46 -3.26 -35.64
C ASP B 165 16.34 -2.73 -34.22
N ILE B 166 17.35 -2.99 -33.38
CA ILE B 166 17.31 -2.55 -31.98
C ILE B 166 17.25 -1.04 -31.75
N GLU B 167 18.26 -0.29 -32.19
CA GLU B 167 18.26 1.17 -31.99
C GLU B 167 16.97 1.75 -32.55
N ALA B 168 16.51 1.19 -33.67
CA ALA B 168 15.28 1.65 -34.27
C ALA B 168 14.26 1.78 -33.15
N ALA B 169 14.15 0.72 -32.34
CA ALA B 169 13.21 0.66 -31.22
C ALA B 169 13.45 1.67 -30.11
N ARG B 170 14.71 1.84 -29.68
CA ARG B 170 15.03 2.81 -28.64
C ARG B 170 14.71 4.22 -29.10
N LYS B 171 14.95 4.47 -30.39
CA LYS B 171 14.71 5.78 -30.97
C LYS B 171 13.23 6.05 -31.36
N GLU B 172 12.47 4.99 -31.58
CA GLU B 172 11.08 5.12 -31.99
C GLU B 172 10.33 6.19 -31.21
N GLU B 173 10.31 6.08 -29.88
CA GLU B 173 9.59 7.06 -29.09
C GLU B 173 10.05 8.48 -29.36
N GLU B 174 11.28 8.82 -29.00
CA GLU B 174 11.77 10.16 -29.25
C GLU B 174 11.41 10.60 -30.66
N ARG B 175 11.76 9.75 -31.61
CA ARG B 175 11.50 10.02 -33.01
C ARG B 175 10.09 10.59 -33.19
N ILE B 176 9.07 9.83 -32.80
CA ILE B 176 7.70 10.29 -32.94
C ILE B 176 7.48 11.64 -32.30
N MET B 177 7.92 11.78 -31.05
CA MET B 177 7.74 13.03 -30.33
C MET B 177 8.21 14.21 -31.16
N LEU B 178 9.28 14.02 -31.91
CA LEU B 178 9.79 15.09 -32.76
C LEU B 178 8.75 15.47 -33.83
N ARG B 179 8.27 14.46 -34.57
CA ARG B 179 7.29 14.69 -35.61
C ARG B 179 6.14 15.52 -35.08
N ASP B 180 5.50 15.01 -34.02
CA ASP B 180 4.36 15.67 -33.38
C ASP B 180 4.71 17.10 -32.95
N ALA B 181 5.84 17.26 -32.27
CA ALA B 181 6.31 18.56 -31.81
C ALA B 181 6.41 19.52 -32.98
N ARG B 182 6.91 19.02 -34.11
CA ARG B 182 7.06 19.84 -35.32
C ARG B 182 5.66 20.26 -35.81
N GLN B 183 4.77 19.27 -35.95
CA GLN B 183 3.41 19.51 -36.41
C GLN B 183 2.67 20.53 -35.57
N TRP B 184 2.79 20.44 -34.26
CA TRP B 184 2.13 21.39 -33.37
C TRP B 184 2.74 22.80 -33.52
N LEU B 185 4.06 22.90 -33.38
CA LEU B 185 4.77 24.17 -33.48
C LEU B 185 4.44 24.82 -34.80
N ASN B 186 4.61 24.06 -35.88
CA ASN B 186 4.36 24.54 -37.22
C ASN B 186 2.94 25.06 -37.40
N SER B 187 1.97 24.16 -37.51
CA SER B 187 0.58 24.57 -37.67
C SER B 187 0.18 25.63 -36.65
N GLY B 188 0.53 25.40 -35.39
CA GLY B 188 0.20 26.35 -34.33
C GLY B 188 -0.91 25.85 -33.44
N HIS B 189 -1.18 24.55 -33.52
CA HIS B 189 -2.22 23.91 -32.73
C HIS B 189 -1.67 22.70 -31.98
N ILE B 190 -1.55 22.79 -30.66
CA ILE B 190 -1.06 21.66 -29.89
C ILE B 190 -2.15 20.60 -29.79
N ASN B 191 -1.78 19.38 -30.12
CA ASN B 191 -2.71 18.25 -30.08
C ASN B 191 -2.06 17.19 -29.21
N ASP B 192 -1.85 17.51 -27.94
CA ASP B 192 -1.22 16.56 -27.03
C ASP B 192 -2.25 15.74 -26.27
N VAL B 193 -2.25 14.44 -26.56
CA VAL B 193 -3.16 13.50 -25.93
C VAL B 193 -2.61 13.05 -24.58
N ARG B 194 -2.86 13.85 -23.55
CA ARG B 194 -2.39 13.55 -22.20
C ARG B 194 -2.52 12.05 -21.96
N HIS B 195 -1.48 11.44 -21.40
CA HIS B 195 -1.50 10.00 -21.19
C HIS B 195 -2.42 9.52 -20.06
N ALA B 196 -3.47 8.81 -20.46
CA ALA B 196 -4.51 8.24 -19.59
C ALA B 196 -4.18 7.87 -18.14
N LYS B 197 -2.99 7.33 -17.87
CA LYS B 197 -2.63 6.93 -16.51
C LYS B 197 -2.07 8.04 -15.63
N SER B 198 -0.78 8.34 -15.81
CA SER B 198 -0.08 9.34 -15.03
C SER B 198 -0.60 10.78 -15.13
N GLY B 199 -1.41 11.05 -16.12
CA GLY B 199 -1.93 12.39 -16.32
C GLY B 199 -0.81 13.34 -16.71
N GLY B 200 0.30 12.77 -17.15
CA GLY B 200 1.45 13.57 -17.55
C GLY B 200 1.33 13.99 -19.00
N THR B 201 2.23 14.89 -19.41
CA THR B 201 2.22 15.40 -20.77
C THR B 201 3.51 15.10 -21.52
N ALA B 202 3.49 15.40 -22.82
CA ALA B 202 4.65 15.22 -23.69
C ALA B 202 5.83 16.04 -23.16
N LEU B 203 5.52 17.15 -22.50
CA LEU B 203 6.56 18.00 -21.93
C LEU B 203 7.27 17.18 -20.85
N HIS B 204 6.50 16.36 -20.14
CA HIS B 204 7.04 15.50 -19.08
C HIS B 204 7.88 14.35 -19.65
N VAL B 205 7.41 13.73 -20.73
CA VAL B 205 8.13 12.63 -21.35
C VAL B 205 9.46 13.15 -21.87
N ALA B 206 9.43 14.34 -22.44
CA ALA B 206 10.63 14.97 -22.99
C ALA B 206 11.65 15.14 -21.87
N ALA B 207 11.21 15.74 -20.77
CA ALA B 207 12.08 15.98 -19.63
C ALA B 207 12.63 14.71 -18.97
N ALA B 208 11.76 13.74 -18.72
CA ALA B 208 12.17 12.50 -18.06
C ALA B 208 13.17 11.70 -18.86
N LYS B 209 13.01 11.69 -20.19
CA LYS B 209 13.88 10.93 -21.07
C LYS B 209 15.07 11.75 -21.54
N GLY B 210 15.05 13.05 -21.28
CA GLY B 210 16.12 13.92 -21.70
C GLY B 210 16.19 14.10 -23.21
N TYR B 211 15.04 14.32 -23.84
CA TYR B 211 14.99 14.52 -25.28
C TYR B 211 15.09 16.01 -25.59
N THR B 212 16.27 16.55 -25.36
CA THR B 212 16.60 17.96 -25.59
C THR B 212 15.90 18.63 -26.78
N GLU B 213 16.01 18.01 -27.95
CA GLU B 213 15.41 18.54 -29.19
C GLU B 213 13.89 18.70 -29.11
N VAL B 214 13.20 17.62 -28.76
CA VAL B 214 11.75 17.65 -28.66
C VAL B 214 11.30 18.70 -27.64
N LEU B 215 12.02 18.78 -26.52
CA LEU B 215 11.68 19.76 -25.50
C LEU B 215 11.78 21.16 -26.08
N LYS B 216 12.99 21.58 -26.47
CA LYS B 216 13.17 22.90 -27.04
C LYS B 216 12.07 23.21 -28.04
N LEU B 217 11.78 22.26 -28.91
CA LEU B 217 10.76 22.41 -29.92
C LEU B 217 9.38 22.53 -29.27
N LEU B 218 9.19 21.87 -28.14
CA LEU B 218 7.92 21.90 -27.41
C LEU B 218 7.67 23.25 -26.75
N ILE B 219 8.68 23.79 -26.10
CA ILE B 219 8.54 25.08 -25.47
C ILE B 219 8.20 26.14 -26.52
N GLN B 220 8.84 26.06 -27.69
CA GLN B 220 8.60 27.02 -28.75
C GLN B 220 7.19 26.99 -29.27
N ALA B 221 6.41 26.01 -28.83
CA ALA B 221 5.02 25.91 -29.25
C ALA B 221 4.21 26.59 -28.15
N ARG B 222 4.94 27.16 -27.20
CA ARG B 222 4.35 27.86 -26.06
C ARG B 222 3.51 26.92 -25.22
N TYR B 223 4.12 25.83 -24.77
CA TYR B 223 3.45 24.83 -23.95
C TYR B 223 3.80 25.15 -22.50
N ASP B 224 2.80 25.33 -21.65
CA ASP B 224 3.04 25.67 -20.25
C ASP B 224 4.16 24.85 -19.59
N VAL B 225 5.30 25.52 -19.40
CA VAL B 225 6.47 24.90 -18.78
C VAL B 225 6.18 24.42 -17.35
N ASN B 226 5.09 24.91 -16.76
CA ASN B 226 4.75 24.53 -15.41
C ASN B 226 3.53 23.62 -15.27
N ILE B 227 3.24 22.81 -16.28
CA ILE B 227 2.10 21.92 -16.20
C ILE B 227 2.38 20.81 -15.21
N LYS B 228 1.37 20.43 -14.43
CA LYS B 228 1.52 19.38 -13.44
C LYS B 228 0.66 18.17 -13.82
N ASP B 229 1.18 16.96 -13.57
CA ASP B 229 0.43 15.76 -13.88
C ASP B 229 -0.42 15.43 -12.67
N TYR B 230 -1.24 14.40 -12.78
CA TYR B 230 -2.12 14.01 -11.69
C TYR B 230 -1.42 13.85 -10.35
N ASP B 231 -0.12 13.61 -10.38
CA ASP B 231 0.66 13.45 -9.15
C ASP B 231 1.14 14.81 -8.68
N GLY B 232 0.99 15.80 -9.55
CA GLY B 232 1.43 17.15 -9.20
C GLY B 232 2.91 17.39 -9.46
N TRP B 233 3.41 16.86 -10.57
CA TRP B 233 4.81 17.01 -10.95
C TRP B 233 4.98 18.04 -12.05
N THR B 234 6.13 18.69 -12.06
CA THR B 234 6.45 19.70 -13.07
C THR B 234 7.42 19.10 -14.08
N PRO B 235 7.40 19.59 -15.33
CA PRO B 235 8.33 19.02 -16.31
C PRO B 235 9.77 19.17 -15.78
N LEU B 236 9.90 19.81 -14.63
CA LEU B 236 11.19 20.02 -13.98
C LEU B 236 11.37 18.92 -12.93
N HIS B 237 10.27 18.53 -12.29
CA HIS B 237 10.26 17.48 -11.28
C HIS B 237 10.82 16.19 -11.87
N ALA B 238 10.60 15.99 -13.17
CA ALA B 238 11.06 14.80 -13.86
C ALA B 238 12.52 14.93 -14.33
N ALA B 239 12.79 15.92 -15.17
CA ALA B 239 14.14 16.14 -15.68
C ALA B 239 15.15 16.10 -14.53
N ALA B 240 14.70 16.52 -13.34
CA ALA B 240 15.56 16.53 -12.18
C ALA B 240 15.60 15.15 -11.53
N HIS B 241 14.43 14.59 -11.23
CA HIS B 241 14.34 13.27 -10.61
C HIS B 241 15.24 12.27 -11.32
N TRP B 242 14.99 12.04 -12.60
CA TRP B 242 15.78 11.09 -13.39
C TRP B 242 17.13 11.66 -13.81
N GLY B 243 17.47 12.82 -13.26
CA GLY B 243 18.74 13.46 -13.52
C GLY B 243 19.14 13.81 -14.95
N LYS B 244 18.25 14.47 -15.69
CA LYS B 244 18.58 14.87 -17.05
C LYS B 244 19.05 16.32 -16.99
N GLU B 245 20.32 16.49 -16.66
CA GLU B 245 20.94 17.79 -16.52
C GLU B 245 20.50 18.83 -17.55
N GLU B 246 20.97 18.68 -18.79
CA GLU B 246 20.62 19.63 -19.85
C GLU B 246 19.12 19.84 -20.01
N ALA B 247 18.32 18.89 -19.52
CA ALA B 247 16.87 19.02 -19.61
C ALA B 247 16.45 20.12 -18.65
N CYS B 248 17.12 20.17 -17.50
CA CYS B 248 16.82 21.18 -16.49
C CYS B 248 17.22 22.56 -16.97
N ARG B 249 18.40 22.67 -17.56
CA ARG B 249 18.88 23.95 -18.06
C ARG B 249 17.82 24.56 -18.97
N ILE B 250 17.34 23.76 -19.92
CA ILE B 250 16.32 24.20 -20.85
C ILE B 250 15.10 24.71 -20.09
N LEU B 251 14.63 23.90 -19.14
CA LEU B 251 13.46 24.27 -18.34
C LEU B 251 13.64 25.61 -17.63
N VAL B 252 14.87 25.88 -17.19
CA VAL B 252 15.16 27.11 -16.47
C VAL B 252 15.25 28.30 -17.41
N GLU B 253 15.97 28.14 -18.51
CA GLU B 253 16.13 29.24 -19.48
C GLU B 253 14.78 29.81 -19.92
N ASN B 254 13.71 29.12 -19.59
CA ASN B 254 12.38 29.55 -19.97
C ASN B 254 11.51 29.92 -18.79
N LEU B 255 12.18 30.32 -17.70
CA LEU B 255 11.51 30.75 -16.48
C LEU B 255 10.58 29.72 -15.85
N CYS B 256 10.99 28.46 -15.84
CA CYS B 256 10.15 27.43 -15.24
C CYS B 256 10.06 27.70 -13.74
N ASP B 257 8.84 27.78 -13.23
CA ASP B 257 8.62 28.02 -11.81
C ASP B 257 9.32 26.91 -11.02
N MET B 258 10.56 27.17 -10.60
CA MET B 258 11.33 26.19 -9.84
C MET B 258 10.75 25.90 -8.46
N GLU B 259 9.93 26.83 -7.96
CA GLU B 259 9.33 26.69 -6.64
C GLU B 259 8.07 25.83 -6.65
N ALA B 260 7.82 25.15 -7.76
CA ALA B 260 6.65 24.29 -7.90
C ALA B 260 6.62 23.24 -6.79
N VAL B 261 5.42 22.82 -6.39
CA VAL B 261 5.28 21.84 -5.33
C VAL B 261 4.55 20.58 -5.74
N ASN B 262 4.98 19.46 -5.17
CA ASN B 262 4.40 18.16 -5.44
C ASN B 262 3.04 18.09 -4.72
N LYS B 263 2.10 17.33 -5.27
CA LYS B 263 0.80 17.22 -4.63
C LYS B 263 0.97 16.69 -3.22
N VAL B 264 2.13 16.10 -2.96
CA VAL B 264 2.45 15.57 -1.64
C VAL B 264 3.38 16.58 -0.96
N GLY B 265 3.72 17.63 -1.70
CA GLY B 265 4.54 18.68 -1.15
C GLY B 265 6.04 18.62 -1.35
N GLN B 266 6.50 18.46 -2.58
CA GLN B 266 7.94 18.42 -2.84
C GLN B 266 8.33 19.43 -3.91
N THR B 267 9.59 19.85 -3.88
CA THR B 267 10.11 20.81 -4.85
C THR B 267 10.79 20.04 -5.97
N ALA B 268 11.16 20.73 -7.04
CA ALA B 268 11.86 20.08 -8.13
C ALA B 268 13.18 19.62 -7.53
N PHE B 269 13.67 20.37 -6.55
CA PHE B 269 14.91 20.05 -5.85
C PHE B 269 14.65 18.87 -4.90
N ASP B 270 13.46 18.83 -4.33
CA ASP B 270 13.08 17.77 -3.40
C ASP B 270 13.10 16.38 -4.00
N VAL B 271 12.11 16.07 -4.84
CA VAL B 271 12.05 14.75 -5.45
C VAL B 271 13.16 14.52 -6.48
N ALA B 272 14.03 15.52 -6.63
CA ALA B 272 15.15 15.38 -7.57
C ALA B 272 16.10 14.42 -6.89
N ASP B 273 15.54 13.56 -6.05
CA ASP B 273 16.24 12.56 -5.26
C ASP B 273 17.61 12.11 -5.78
N GLU B 274 17.81 12.16 -7.09
CA GLU B 274 19.07 11.71 -7.66
C GLU B 274 20.20 12.72 -7.92
N ASP B 275 21.38 12.32 -7.46
CA ASP B 275 22.66 13.03 -7.56
C ASP B 275 22.69 14.53 -7.83
N ILE B 276 22.71 14.89 -9.11
CA ILE B 276 22.78 16.27 -9.60
C ILE B 276 22.37 17.40 -8.64
N LEU B 277 21.37 17.16 -7.80
CA LEU B 277 20.83 18.13 -6.83
C LEU B 277 21.49 19.51 -6.76
N GLY B 278 22.79 19.55 -6.51
CA GLY B 278 23.48 20.82 -6.41
C GLY B 278 23.55 21.67 -7.65
N TYR B 279 23.63 21.02 -8.81
CA TYR B 279 23.71 21.72 -10.10
C TYR B 279 22.54 22.68 -10.28
N LEU B 280 21.34 22.21 -10.00
CA LEU B 280 20.14 23.01 -10.14
C LEU B 280 20.29 24.33 -9.41
N GLU B 281 20.75 24.24 -8.17
CA GLU B 281 20.95 25.42 -7.35
C GLU B 281 21.81 26.44 -8.08
N GLU B 282 22.76 25.95 -8.88
CA GLU B 282 23.63 26.85 -9.63
C GLU B 282 22.80 27.56 -10.69
N LEU B 283 22.05 26.79 -11.47
CA LEU B 283 21.20 27.36 -12.51
C LEU B 283 20.20 28.30 -11.86
N GLN B 284 19.79 27.97 -10.64
CA GLN B 284 18.85 28.78 -9.90
C GLN B 284 19.48 30.14 -9.59
N LYS B 285 20.77 30.12 -9.26
CA LYS B 285 21.49 31.35 -8.95
C LYS B 285 21.60 32.19 -10.20
N LYS B 286 21.31 31.58 -11.34
CA LYS B 286 21.36 32.27 -12.62
C LYS B 286 19.96 32.73 -13.04
N GLN B 287 18.94 32.02 -12.58
CA GLN B 287 17.55 32.37 -12.90
C GLN B 287 17.16 33.63 -12.14
N ASN B 288 18.16 34.41 -11.75
CA ASN B 288 17.93 35.64 -11.02
C ASN B 288 18.81 36.78 -11.53
N LEU B 289 20.08 36.48 -11.76
CA LEU B 289 21.02 37.48 -12.24
C LEU B 289 20.73 37.81 -13.71
N LEU B 290 19.61 37.31 -14.18
CA LEU B 290 19.13 37.53 -15.55
C LEU B 290 17.63 37.26 -15.62
N HIS B 291 16.84 38.29 -15.32
CA HIS B 291 15.39 38.19 -15.36
C HIS B 291 14.76 39.57 -15.12
#